data_7DS1
#
_entry.id   7DS1
#
_cell.length_a   59.320
_cell.length_b   90.778
_cell.length_c   40.833
_cell.angle_alpha   90.000
_cell.angle_beta   90.000
_cell.angle_gamma   90.000
#
_symmetry.space_group_name_H-M   'P 21 21 2'
#
loop_
_entity.id
_entity.type
_entity.pdbx_description
1 polymer 'CMP/dCMP-type deaminase domain-containing protein'
2 non-polymer 'ZINC ION'
3 non-polymer '[(2~{R},3~{S},4~{S})-5-[[2,5-bis(azanyl)-6-oxidanylidene-1~{H}-pyrimidin-4-yl]amino]-2,3,4-tris(oxidanyl)pentyl] dihydrogen phosphate'
4 water water
#
_entity_poly.entity_id   1
_entity_poly.type   'polypeptide(L)'
_entity_poly.pdbx_seq_one_letter_code
;MQSPHAKYLRECLSLAEKSPPRPTNFRVGAILVSRKEGDYKTEDDRIVSTGYTMELAGNTHAEQCCLSNYAAVHSVPEDR
VWEVLPSEPDRKLVMYVTMEPCGKRLSGNLPCVQRIIRTRQGDRKGIQKIYFGVKEPGTFVGGSEGCQMLTAAGIDWQVV
NGLEREILEVAVAGHENREEEVKAALDTLEHHHHHH
;
_entity_poly.pdbx_strand_id   A
#
loop_
_chem_comp.id
_chem_comp.type
_chem_comp.name
_chem_comp.formula
HJL non-polymer '[(2~{R},3~{S},4~{S})-5-[[2,5-bis(azanyl)-6-oxidanylidene-1~{H}-pyrimidin-4-yl]amino]-2,3,4-tris(oxidanyl)pentyl] dihydrogen phosphate' 'C9 H18 N5 O8 P'
ZN non-polymer 'ZINC ION' 'Zn 2'
#
# COMPACT_ATOMS: atom_id res chain seq x y z
N SER A 3 10.96 4.32 -15.43
CA SER A 3 10.67 3.39 -14.34
C SER A 3 9.23 2.91 -14.37
N PRO A 4 9.04 1.60 -14.51
CA PRO A 4 7.69 1.05 -14.33
C PRO A 4 7.15 1.31 -12.93
N HIS A 5 8.03 1.31 -11.93
CA HIS A 5 7.58 1.53 -10.55
C HIS A 5 7.04 2.93 -10.36
N ALA A 6 7.70 3.94 -10.94
CA ALA A 6 7.22 5.31 -10.80
C ALA A 6 5.86 5.47 -11.47
N LYS A 7 5.66 4.82 -12.62
CA LYS A 7 4.38 4.89 -13.29
C LYS A 7 3.28 4.28 -12.44
N TYR A 8 3.57 3.12 -11.81
CA TYR A 8 2.59 2.52 -10.90
C TYR A 8 2.27 3.45 -9.75
N LEU A 9 3.30 4.12 -9.20
CA LEU A 9 3.04 4.99 -8.05
C LEU A 9 2.24 6.22 -8.45
N ARG A 10 2.41 6.70 -9.68
CA ARG A 10 1.57 7.79 -10.15
C ARG A 10 0.12 7.34 -10.30
N GLU A 11 -0.11 6.09 -10.71
CA GLU A 11 -1.48 5.58 -10.73
C GLU A 11 -2.02 5.40 -9.32
N CYS A 12 -1.17 5.02 -8.37
CA CYS A 12 -1.58 5.00 -6.96
C CYS A 12 -1.96 6.40 -6.49
N LEU A 13 -1.23 7.43 -6.94
CA LEU A 13 -1.56 8.79 -6.56
C LEU A 13 -2.95 9.18 -7.07
N SER A 14 -3.29 8.78 -8.29
CA SER A 14 -4.62 9.09 -8.82
C SER A 14 -5.70 8.44 -7.98
N LEU A 15 -5.45 7.22 -7.48
CA LEU A 15 -6.37 6.59 -6.56
C LEU A 15 -6.45 7.37 -5.24
N ALA A 16 -5.29 7.79 -4.71
CA ALA A 16 -5.27 8.57 -3.48
C ALA A 16 -6.12 9.83 -3.58
N GLU A 17 -6.16 10.44 -4.77
CA GLU A 17 -6.93 11.66 -4.94
C GLU A 17 -8.43 11.45 -4.83
N LYS A 18 -8.89 10.20 -4.89
CA LYS A 18 -10.30 9.89 -4.64
C LYS A 18 -10.65 9.89 -3.15
N SER A 19 -9.65 9.83 -2.27
CA SER A 19 -9.91 9.76 -0.83
C SER A 19 -10.51 11.06 -0.31
N PRO A 20 -11.53 10.98 0.54
CA PRO A 20 -12.06 12.19 1.16
C PRO A 20 -11.10 12.71 2.21
N PRO A 21 -10.78 14.01 2.17
CA PRO A 21 -9.85 14.58 3.16
C PRO A 21 -10.42 14.54 4.57
N ARG A 22 -9.60 14.08 5.52
CA ARG A 22 -9.95 13.99 6.93
C ARG A 22 -8.77 14.46 7.76
N PRO A 23 -9.02 14.96 8.99
CA PRO A 23 -7.91 15.51 9.78
C PRO A 23 -7.00 14.45 10.38
N THR A 24 -7.44 13.20 10.50
CA THR A 24 -6.75 12.22 11.32
C THR A 24 -5.97 11.17 10.54
N ASN A 25 -5.95 11.23 9.20
CA ASN A 25 -5.30 10.18 8.43
C ASN A 25 -4.69 10.80 7.17
N PHE A 26 -4.14 9.93 6.32
CA PHE A 26 -3.46 10.33 5.10
C PHE A 26 -4.20 9.77 3.89
N ARG A 27 -4.29 10.57 2.82
CA ARG A 27 -4.88 10.11 1.57
C ARG A 27 -3.86 9.34 0.75
N VAL A 28 -4.09 8.04 0.59
CA VAL A 28 -3.13 7.10 0.02
C VAL A 28 -3.84 6.24 -1.02
N GLY A 29 -3.07 5.75 -1.99
CA GLY A 29 -3.58 4.78 -2.95
C GLY A 29 -2.67 3.59 -3.06
N ALA A 30 -3.26 2.44 -3.40
CA ALA A 30 -2.54 1.17 -3.44
C ALA A 30 -2.99 0.31 -4.61
N ILE A 31 -2.04 -0.39 -5.24
CA ILE A 31 -2.32 -1.28 -6.37
C ILE A 31 -1.59 -2.60 -6.14
N LEU A 32 -2.33 -3.71 -6.21
CA LEU A 32 -1.77 -5.04 -6.04
C LEU A 32 -1.56 -5.69 -7.41
N VAL A 33 -0.33 -6.14 -7.67
CA VAL A 33 0.09 -6.62 -8.99
C VAL A 33 0.59 -8.05 -8.88
N SER A 34 0.21 -8.88 -9.85
CA SER A 34 0.80 -10.22 -10.01
C SER A 34 1.82 -10.15 -11.14
N ARG A 35 3.07 -10.49 -10.82
CA ARG A 35 4.20 -10.26 -11.70
C ARG A 35 4.95 -11.58 -11.91
N LYS A 36 5.36 -11.83 -13.15
N LYS A 36 5.38 -11.81 -13.14
CA LYS A 36 6.16 -13.02 -13.43
CA LYS A 36 6.20 -12.97 -13.44
C LYS A 36 7.53 -12.90 -12.76
C LYS A 36 7.53 -12.88 -12.72
N GLU A 37 8.00 -14.01 -12.18
CA GLU A 37 9.34 -14.06 -11.64
C GLU A 37 10.36 -13.98 -12.77
N GLY A 38 11.53 -13.43 -12.47
CA GLY A 38 12.58 -13.30 -13.46
C GLY A 38 12.52 -12.00 -14.23
N ASP A 39 13.07 -11.93 -15.41
CA ASP A 39 13.09 -10.75 -16.31
C ASP A 39 11.69 -10.37 -16.84
N TYR A 40 10.77 -10.02 -15.98
CA TYR A 40 9.39 -9.78 -16.35
C TYR A 40 9.28 -8.66 -17.38
N LYS A 41 8.21 -8.72 -18.15
CA LYS A 41 7.79 -7.63 -19.03
C LYS A 41 6.56 -6.98 -18.42
N THR A 42 6.60 -5.66 -18.28
CA THR A 42 5.49 -4.92 -17.67
C THR A 42 4.17 -5.24 -18.35
N GLU A 43 4.21 -5.67 -19.59
CA GLU A 43 2.99 -6.00 -20.30
C GLU A 43 2.38 -7.24 -19.73
N ASP A 44 3.18 -8.08 -19.08
CA ASP A 44 2.64 -9.29 -18.47
C ASP A 44 2.22 -9.11 -17.02
N ASP A 45 2.47 -7.94 -16.41
CA ASP A 45 1.89 -7.64 -15.11
C ASP A 45 0.37 -7.79 -15.20
N ARG A 46 -0.22 -8.28 -14.11
CA ARG A 46 -1.68 -8.35 -13.98
C ARG A 46 -2.10 -7.57 -12.74
N ILE A 47 -3.07 -6.67 -12.90
CA ILE A 47 -3.62 -5.97 -11.74
C ILE A 47 -4.58 -6.91 -11.02
N VAL A 48 -4.33 -7.13 -9.74
CA VAL A 48 -5.15 -8.02 -8.92
C VAL A 48 -6.21 -7.26 -8.15
N SER A 49 -5.87 -6.06 -7.64
CA SER A 49 -6.81 -5.24 -6.91
C SER A 49 -6.24 -3.84 -6.78
N THR A 50 -7.11 -2.91 -6.37
CA THR A 50 -6.71 -1.54 -6.06
C THR A 50 -7.50 -1.08 -4.85
N GLY A 51 -7.02 -0.04 -4.19
CA GLY A 51 -7.75 0.58 -3.09
C GLY A 51 -7.24 1.97 -2.79
N TYR A 52 -8.08 2.76 -2.12
CA TYR A 52 -7.63 4.06 -1.63
C TYR A 52 -8.26 4.29 -0.26
N THR A 53 -7.68 5.25 0.47
CA THR A 53 -8.10 5.54 1.85
C THR A 53 -9.59 5.86 1.91
N MET A 54 -10.31 5.12 2.77
CA MET A 54 -11.74 5.31 3.03
C MET A 54 -12.58 5.12 1.77
N GLU A 55 -12.07 4.31 0.84
CA GLU A 55 -12.90 3.87 -0.27
C GLU A 55 -14.10 3.07 0.22
N LEU A 56 -13.88 2.24 1.23
CA LEU A 56 -14.92 1.39 1.81
C LEU A 56 -15.34 1.94 3.17
N ALA A 57 -16.58 1.66 3.56
CA ALA A 57 -17.14 2.22 4.78
C ALA A 57 -16.30 1.88 6.00
N GLY A 58 -16.28 2.80 6.94
CA GLY A 58 -15.47 2.65 8.13
C GLY A 58 -14.12 3.32 7.97
N ASN A 59 -13.30 3.14 9.00
CA ASN A 59 -11.97 3.73 9.06
C ASN A 59 -11.00 2.79 8.33
N THR A 60 -10.85 2.97 7.03
CA THR A 60 -10.11 2.01 6.21
C THR A 60 -8.93 2.67 5.51
N HIS A 61 -7.79 1.97 5.49
CA HIS A 61 -6.61 2.44 4.79
C HIS A 61 -6.61 1.95 3.34
N ALA A 62 -5.73 2.55 2.52
CA ALA A 62 -5.65 2.20 1.11
C ALA A 62 -5.32 0.72 0.93
N GLU A 63 -4.27 0.23 1.61
CA GLU A 63 -3.86 -1.16 1.46
C GLU A 63 -4.96 -2.09 1.97
N GLN A 64 -5.61 -1.69 3.05
CA GLN A 64 -6.73 -2.45 3.61
C GLN A 64 -7.87 -2.55 2.61
N CYS A 65 -8.24 -1.44 1.97
CA CYS A 65 -9.31 -1.46 0.97
C CYS A 65 -8.91 -2.30 -0.24
N CYS A 66 -7.63 -2.24 -0.62
CA CYS A 66 -7.15 -3.03 -1.74
C CYS A 66 -7.38 -4.52 -1.48
N LEU A 67 -6.98 -4.98 -0.28
CA LEU A 67 -7.22 -6.37 0.08
C LEU A 67 -8.71 -6.66 0.27
N SER A 68 -9.45 -5.73 0.88
N SER A 68 -9.45 -5.73 0.89
CA SER A 68 -10.86 -5.99 1.15
CA SER A 68 -10.86 -5.97 1.16
C SER A 68 -11.69 -6.03 -0.12
C SER A 68 -11.68 -6.04 -0.13
N ASN A 69 -11.32 -5.22 -1.13
CA ASN A 69 -12.01 -5.29 -2.42
C ASN A 69 -11.88 -6.67 -3.03
N TYR A 70 -10.69 -7.26 -2.96
CA TYR A 70 -10.48 -8.60 -3.49
C TYR A 70 -11.27 -9.62 -2.68
N ALA A 71 -11.17 -9.54 -1.34
CA ALA A 71 -11.88 -10.47 -0.48
C ALA A 71 -13.37 -10.45 -0.77
N ALA A 72 -13.94 -9.26 -0.97
CA ALA A 72 -15.39 -9.15 -1.19
C ALA A 72 -15.82 -9.88 -2.47
N VAL A 73 -15.04 -9.73 -3.54
CA VAL A 73 -15.34 -10.42 -4.79
C VAL A 73 -15.32 -11.93 -4.59
N HIS A 74 -14.53 -12.40 -3.63
CA HIS A 74 -14.30 -13.81 -3.39
C HIS A 74 -15.06 -14.34 -2.18
N SER A 75 -16.00 -13.56 -1.64
CA SER A 75 -16.95 -14.04 -0.63
C SER A 75 -16.27 -14.42 0.68
N VAL A 76 -15.21 -13.71 1.07
CA VAL A 76 -14.60 -13.89 2.40
C VAL A 76 -14.36 -12.52 3.02
N PRO A 77 -14.33 -12.43 4.35
CA PRO A 77 -13.85 -11.18 4.98
C PRO A 77 -12.38 -10.96 4.72
N GLU A 78 -11.95 -9.71 4.90
CA GLU A 78 -10.60 -9.34 4.51
C GLU A 78 -9.54 -10.10 5.29
N ASP A 79 -9.82 -10.44 6.57
CA ASP A 79 -8.84 -11.20 7.34
C ASP A 79 -8.57 -12.57 6.74
N ARG A 80 -9.47 -13.07 5.89
CA ARG A 80 -9.31 -14.34 5.22
C ARG A 80 -8.88 -14.20 3.77
N VAL A 81 -8.47 -13.00 3.34
CA VAL A 81 -8.11 -12.81 1.94
C VAL A 81 -6.90 -13.66 1.56
N TRP A 82 -6.07 -14.03 2.54
CA TRP A 82 -4.92 -14.88 2.23
C TRP A 82 -5.34 -16.19 1.56
N GLU A 83 -6.54 -16.70 1.91
CA GLU A 83 -7.00 -17.97 1.37
C GLU A 83 -7.28 -17.92 -0.11
N VAL A 84 -7.63 -16.74 -0.63
CA VAL A 84 -8.18 -16.62 -1.98
C VAL A 84 -7.30 -15.82 -2.93
N LEU A 85 -6.27 -15.12 -2.43
CA LEU A 85 -5.32 -14.47 -3.32
C LEU A 85 -4.63 -15.50 -4.21
N PRO A 86 -4.24 -15.12 -5.42
CA PRO A 86 -3.52 -16.08 -6.28
C PRO A 86 -2.17 -16.42 -5.67
N SER A 87 -1.74 -17.67 -5.89
CA SER A 87 -0.44 -18.13 -5.42
C SER A 87 0.11 -19.08 -6.47
N GLU A 88 0.55 -18.52 -7.57
CA GLU A 88 0.98 -19.33 -8.70
C GLU A 88 2.48 -19.54 -8.66
N PRO A 89 2.95 -20.70 -9.11
CA PRO A 89 4.39 -21.01 -8.94
C PRO A 89 5.29 -20.02 -9.65
N ASP A 90 4.88 -19.45 -10.78
CA ASP A 90 5.75 -18.64 -11.61
C ASP A 90 5.55 -17.14 -11.41
N ARG A 91 4.70 -16.74 -10.46
CA ARG A 91 4.37 -15.33 -10.28
C ARG A 91 4.47 -14.95 -8.80
N LYS A 92 4.65 -13.65 -8.58
CA LYS A 92 4.70 -13.08 -7.24
C LYS A 92 3.73 -11.91 -7.14
N LEU A 93 3.17 -11.74 -5.94
CA LEU A 93 2.34 -10.58 -5.65
C LEU A 93 3.19 -9.46 -5.07
N VAL A 94 3.06 -8.27 -5.66
CA VAL A 94 3.72 -7.07 -5.14
C VAL A 94 2.67 -5.98 -5.01
N MET A 95 2.81 -5.12 -4.00
CA MET A 95 1.88 -4.02 -3.80
C MET A 95 2.62 -2.70 -3.92
N TYR A 96 2.08 -1.81 -4.75
CA TYR A 96 2.50 -0.41 -4.83
C TYR A 96 1.59 0.40 -3.92
N VAL A 97 2.20 1.27 -3.11
N VAL A 97 2.18 1.31 -3.17
CA VAL A 97 1.46 2.15 -2.19
CA VAL A 97 1.40 2.17 -2.27
C VAL A 97 2.15 3.50 -2.19
C VAL A 97 2.13 3.50 -2.17
N THR A 98 1.39 4.61 -2.21
CA THR A 98 2.07 5.90 -2.26
C THR A 98 2.91 6.12 -1.01
N MET A 99 2.41 5.67 0.15
CA MET A 99 3.07 5.86 1.44
C MET A 99 3.44 4.51 2.03
N GLU A 100 4.58 4.48 2.71
CA GLU A 100 5.00 3.35 3.55
C GLU A 100 3.82 2.80 4.35
N PRO A 101 3.50 1.51 4.24
CA PRO A 101 2.42 0.94 5.06
C PRO A 101 2.65 1.14 6.55
N CYS A 102 1.56 1.34 7.26
CA CYS A 102 1.63 1.69 8.68
C CYS A 102 1.97 0.48 9.54
N GLY A 103 2.79 0.74 10.56
CA GLY A 103 3.12 -0.27 11.55
C GLY A 103 2.30 -0.12 12.81
N LYS A 104 1.59 1.00 12.93
CA LYS A 104 0.74 1.27 14.07
C LYS A 104 -0.33 2.25 13.63
N ARG A 105 -1.54 2.10 14.16
CA ARG A 105 -2.64 3.02 13.90
C ARG A 105 -3.11 3.59 15.23
N LEU A 106 -3.25 4.92 15.28
CA LEU A 106 -3.67 5.56 16.52
C LEU A 106 -5.05 5.10 16.94
N SER A 107 -5.88 4.68 15.98
CA SER A 107 -7.23 4.19 16.28
C SER A 107 -7.22 2.83 16.95
N GLY A 108 -6.09 2.13 16.92
CA GLY A 108 -6.05 0.78 17.44
C GLY A 108 -6.44 -0.28 16.44
N ASN A 109 -6.84 0.11 15.22
CA ASN A 109 -7.08 -0.85 14.15
C ASN A 109 -5.80 -1.60 13.82
N LEU A 110 -5.96 -2.82 13.30
CA LEU A 110 -4.80 -3.62 12.90
C LEU A 110 -4.01 -2.86 11.82
N PRO A 111 -2.69 -2.72 11.98
CA PRO A 111 -1.91 -1.95 11.00
C PRO A 111 -1.76 -2.70 9.68
N CYS A 112 -1.43 -1.93 8.64
CA CYS A 112 -1.39 -2.48 7.30
C CYS A 112 -0.23 -3.46 7.13
N VAL A 113 0.89 -3.23 7.82
CA VAL A 113 1.98 -4.20 7.75
C VAL A 113 1.50 -5.58 8.17
N GLN A 114 0.65 -5.65 9.22
CA GLN A 114 0.13 -6.95 9.66
C GLN A 114 -0.85 -7.54 8.65
N ARG A 115 -1.71 -6.72 8.04
CA ARG A 115 -2.59 -7.22 6.97
C ARG A 115 -1.78 -7.78 5.81
N ILE A 116 -0.63 -7.16 5.52
CA ILE A 116 0.24 -7.65 4.45
C ILE A 116 0.91 -8.96 4.86
N ILE A 117 1.48 -8.98 6.07
CA ILE A 117 2.21 -10.16 6.53
C ILE A 117 1.31 -11.40 6.54
N ARG A 118 0.04 -11.23 6.96
CA ARG A 118 -0.80 -12.40 7.09
C ARG A 118 -1.31 -12.94 5.76
N THR A 119 -0.98 -12.30 4.62
CA THR A 119 -1.27 -12.93 3.34
C THR A 119 -0.35 -14.12 3.08
N ARG A 120 0.75 -14.24 3.82
CA ARG A 120 1.65 -15.38 3.68
C ARG A 120 1.28 -16.38 4.76
N GLN A 121 0.37 -17.30 4.42
CA GLN A 121 -0.14 -18.30 5.36
C GLN A 121 -0.39 -19.59 4.60
N GLY A 122 -0.40 -20.70 5.33
CA GLY A 122 -0.65 -21.98 4.69
C GLY A 122 0.37 -22.22 3.60
N ASP A 123 -0.09 -22.65 2.43
CA ASP A 123 0.78 -22.82 1.27
C ASP A 123 0.77 -21.59 0.35
N ARG A 124 0.13 -20.50 0.75
CA ARG A 124 0.01 -19.32 -0.10
C ARG A 124 1.24 -18.43 0.06
N LYS A 125 1.76 -17.96 -1.08
CA LYS A 125 2.97 -17.14 -1.05
C LYS A 125 2.72 -15.74 -0.50
N GLY A 126 1.52 -15.19 -0.74
CA GLY A 126 1.19 -13.87 -0.24
C GLY A 126 1.94 -12.77 -0.97
N ILE A 127 1.85 -11.58 -0.38
CA ILE A 127 2.52 -10.39 -0.92
C ILE A 127 3.99 -10.45 -0.56
N GLN A 128 4.86 -10.41 -1.57
CA GLN A 128 6.29 -10.62 -1.36
C GLN A 128 7.11 -9.33 -1.35
N LYS A 129 6.60 -8.23 -1.92
CA LYS A 129 7.36 -7.00 -1.93
C LYS A 129 6.42 -5.79 -1.96
N ILE A 130 6.80 -4.73 -1.23
CA ILE A 130 6.08 -3.45 -1.23
C ILE A 130 6.95 -2.40 -1.90
N TYR A 131 6.40 -1.69 -2.87
CA TYR A 131 7.03 -0.49 -3.42
C TYR A 131 6.26 0.71 -2.92
N PHE A 132 6.97 1.70 -2.36
CA PHE A 132 6.30 2.91 -1.88
C PHE A 132 7.13 4.16 -2.16
N GLY A 133 6.47 5.32 -2.13
CA GLY A 133 7.05 6.57 -2.60
C GLY A 133 7.60 7.47 -1.52
N VAL A 134 7.01 7.44 -0.32
CA VAL A 134 7.48 8.25 0.80
C VAL A 134 7.38 7.42 2.07
N LYS A 135 8.33 7.60 2.98
CA LYS A 135 8.17 7.10 4.33
C LYS A 135 6.99 7.80 5.00
N GLU A 136 6.36 7.11 5.96
CA GLU A 136 5.25 7.75 6.64
C GLU A 136 5.75 9.01 7.36
N PRO A 137 5.14 10.17 7.13
CA PRO A 137 5.62 11.39 7.80
C PRO A 137 5.38 11.32 9.29
N GLY A 138 6.15 12.10 10.02
CA GLY A 138 5.91 12.27 11.44
C GLY A 138 7.17 12.10 12.27
N THR A 139 7.03 12.46 13.54
CA THR A 139 8.11 12.38 14.52
C THR A 139 8.27 10.95 15.04
N SER A 144 10.53 0.24 14.77
CA SER A 144 9.10 0.47 14.95
C SER A 144 8.50 1.02 13.66
N GLU A 145 9.37 1.34 12.71
CA GLU A 145 8.90 1.81 11.41
C GLU A 145 8.29 0.67 10.63
N GLY A 146 7.28 1.01 9.82
CA GLY A 146 6.63 0.00 9.00
C GLY A 146 7.59 -0.79 8.14
N CYS A 147 8.54 -0.10 7.51
CA CYS A 147 9.52 -0.81 6.68
C CYS A 147 10.34 -1.80 7.51
N GLN A 148 10.67 -1.44 8.75
CA GLN A 148 11.45 -2.36 9.59
C GLN A 148 10.62 -3.58 9.98
N MET A 149 9.32 -3.39 10.20
CA MET A 149 8.44 -4.51 10.50
C MET A 149 8.27 -5.43 9.30
N LEU A 150 8.25 -4.86 8.09
CA LEU A 150 8.22 -5.68 6.87
C LEU A 150 9.48 -6.53 6.77
N THR A 151 10.65 -5.89 6.96
CA THR A 151 11.92 -6.61 6.94
C THR A 151 11.91 -7.76 7.95
N ALA A 152 11.45 -7.48 9.18
CA ALA A 152 11.49 -8.48 10.24
C ALA A 152 10.64 -9.70 9.93
N ALA A 153 9.59 -9.53 9.13
CA ALA A 153 8.73 -10.65 8.72
C ALA A 153 9.10 -11.20 7.35
N GLY A 154 10.18 -10.72 6.76
CA GLY A 154 10.62 -11.26 5.48
C GLY A 154 9.89 -10.74 4.26
N ILE A 155 9.24 -9.58 4.36
CA ILE A 155 8.60 -8.91 3.23
C ILE A 155 9.59 -7.89 2.67
N ASP A 156 9.97 -8.07 1.41
CA ASP A 156 10.86 -7.13 0.73
C ASP A 156 10.16 -5.80 0.51
N TRP A 157 10.94 -4.75 0.33
CA TRP A 157 10.36 -3.45 0.02
C TRP A 157 11.43 -2.58 -0.62
N GLN A 158 10.96 -1.52 -1.29
CA GLN A 158 11.85 -0.62 -2.00
C GLN A 158 11.18 0.74 -2.08
N VAL A 159 11.92 1.79 -1.71
CA VAL A 159 11.43 3.15 -1.89
C VAL A 159 11.70 3.58 -3.32
N VAL A 160 10.69 4.15 -3.97
CA VAL A 160 10.80 4.67 -5.33
C VAL A 160 10.83 6.19 -5.23
N ASN A 161 11.99 6.78 -5.50
CA ASN A 161 12.19 8.21 -5.32
C ASN A 161 11.61 9.00 -6.49
N GLY A 162 11.43 10.31 -6.25
CA GLY A 162 11.12 11.26 -7.32
C GLY A 162 9.72 11.84 -7.27
N LEU A 163 8.84 11.31 -6.42
CA LEU A 163 7.45 11.72 -6.38
C LEU A 163 7.04 12.22 -4.99
N GLU A 164 8.01 12.59 -4.16
CA GLU A 164 7.72 12.81 -2.74
C GLU A 164 6.77 13.99 -2.54
N ARG A 165 7.06 15.13 -3.17
CA ARG A 165 6.24 16.32 -2.93
C ARG A 165 4.79 16.06 -3.36
N GLU A 166 4.60 15.48 -4.54
CA GLU A 166 3.25 15.25 -5.03
C GLU A 166 2.49 14.27 -4.15
N ILE A 167 3.17 13.19 -3.71
CA ILE A 167 2.52 12.22 -2.85
C ILE A 167 2.14 12.85 -1.52
N LEU A 168 3.05 13.64 -0.94
CA LEU A 168 2.80 14.25 0.36
C LEU A 168 1.68 15.29 0.28
N GLU A 169 1.68 16.12 -0.76
CA GLU A 169 0.66 17.16 -0.85
C GLU A 169 -0.73 16.55 -0.95
N VAL A 170 -0.87 15.46 -1.71
CA VAL A 170 -2.14 14.73 -1.76
C VAL A 170 -2.46 14.14 -0.40
N ALA A 171 -1.45 13.52 0.24
CA ALA A 171 -1.69 12.77 1.46
C ALA A 171 -2.24 13.64 2.58
N VAL A 172 -1.79 14.89 2.68
CA VAL A 172 -2.07 15.73 3.84
C VAL A 172 -3.08 16.84 3.52
N ALA A 173 -3.80 16.71 2.40
CA ALA A 173 -4.69 17.78 1.96
C ALA A 173 -5.77 18.12 3.00
N GLY A 174 -6.17 17.15 3.82
CA GLY A 174 -7.15 17.40 4.86
C GLY A 174 -6.62 17.95 6.17
N HIS A 175 -5.33 18.31 6.24
CA HIS A 175 -4.69 18.72 7.48
C HIS A 175 -4.51 20.23 7.55
N GLU A 176 -4.74 20.79 8.73
CA GLU A 176 -4.57 22.24 8.88
C GLU A 176 -3.11 22.65 8.74
N ASN A 177 -2.18 21.79 9.17
CA ASN A 177 -0.75 22.10 9.10
C ASN A 177 -0.09 21.59 7.82
N ARG A 178 -0.86 21.46 6.74
CA ARG A 178 -0.40 20.70 5.57
C ARG A 178 0.90 21.26 4.99
N GLU A 179 1.04 22.59 4.91
CA GLU A 179 2.25 23.13 4.31
C GLU A 179 3.48 22.85 5.16
N GLU A 180 3.39 23.08 6.46
CA GLU A 180 4.50 22.77 7.35
C GLU A 180 4.77 21.27 7.39
N GLU A 181 3.71 20.46 7.31
CA GLU A 181 3.86 19.01 7.33
C GLU A 181 4.64 18.51 6.10
N VAL A 182 4.31 19.05 4.92
CA VAL A 182 5.03 18.66 3.71
C VAL A 182 6.48 19.09 3.78
N LYS A 183 6.73 20.32 4.24
CA LYS A 183 8.11 20.82 4.32
C LYS A 183 8.94 19.96 5.27
N ALA A 184 8.36 19.60 6.43
CA ALA A 184 9.09 18.76 7.38
C ALA A 184 9.46 17.42 6.75
N ALA A 185 8.51 16.82 6.02
CA ALA A 185 8.74 15.49 5.43
C ALA A 185 9.79 15.55 4.33
N LEU A 186 9.77 16.60 3.51
CA LEU A 186 10.79 16.74 2.48
C LEU A 186 12.17 16.98 3.08
N ASP A 187 12.22 17.63 4.24
CA ASP A 187 13.51 17.86 4.89
C ASP A 187 14.15 16.56 5.39
N THR A 188 13.36 15.51 5.62
CA THR A 188 13.91 14.22 6.01
C THR A 188 14.56 13.48 4.84
N LEU A 189 14.37 13.95 3.61
CA LEU A 189 15.03 13.35 2.45
C LEU A 189 16.51 13.70 2.45
ZN ZN B . -2.25 1.46 7.11
C2 HJL C . -1.30 4.61 4.68
C4 HJL C . -3.58 4.98 4.51
C5 HJL C . -3.54 5.73 5.70
C6 HJL C . -2.35 5.87 6.35
N1 HJL C . -1.23 5.27 5.81
N2 HJL C . -0.09 3.99 4.13
N3 HJL C . -2.47 4.43 4.02
N5 HJL C . -4.71 6.34 6.22
O4 HJL C . -4.64 4.84 3.89
C1' HJL C . -1.33 6.18 8.69
C2' HJL C . -1.54 6.97 9.99
C3' HJL C . -2.98 6.72 10.53
C4' HJL C . -3.05 7.26 12.01
C5' HJL C . -4.52 7.35 12.49
N1' HJL C . -2.26 6.64 7.62
O1P HJL C . -6.06 5.93 10.34
O2' HJL C . -0.62 6.56 10.95
O2P HJL C . -6.63 4.10 12.07
O3' HJL C . -3.88 7.38 9.69
O3P HJL C . -7.39 6.54 12.11
O4' HJL C . -2.38 6.42 12.86
O5' HJL C . -5.00 6.02 12.57
PAN HJL C . -6.30 5.65 11.73
#